data_8AY6
#
_entry.id   8AY6
#
_cell.length_a   42.987
_cell.length_b   62.909
_cell.length_c   186.615
_cell.angle_alpha   90.000
_cell.angle_beta   90.000
_cell.angle_gamma   90.000
#
_symmetry.space_group_name_H-M   'P 21 21 21'
#
loop_
_entity.id
_entity.type
_entity.pdbx_description
1 polymer 'Abscisic acid receptor PYL1'
2 polymer 'Protein phosphatase 2C 16'
3 non-polymer 1,4-dimethyl-2-oxidanylidene-~{N}-(phenylmethyl)quinoline-6-sulfonamide
4 non-polymer 'MANGANESE (II) ION'
5 non-polymer 'CHLORIDE ION'
6 non-polymer GLYCEROL
7 water water
#
loop_
_entity_poly.entity_id
_entity_poly.type
_entity_poly.pdbx_seq_one_letter_code
_entity_poly.pdbx_strand_id
1 'polypeptide(L)'
;MNNNKAEADTSSSMADPETRPTYTTHHLAIPSGVTQDEFDELKQSVVEFHTYQLSQNQCSSLLAQRIRAPNDVVWSIVRR
FDQPQTYKHFIKSCSVSDNFTMAVGSTRDVNLISGLPAATSTERLDILDDDRQVLGISIIGGEHRLRNYRSVISVHGFNR
DGAICTVALESYVVDVPEGNTEEDTRLFADTVVKLNLQKLVSVAESQVI
;
A
2 'polypeptide(L)'
;RSVYELDCIPLWGTVSIQGNRSEMEDAFAVSPHFLKLPIKMLMGDHEGESPSLTHLTGHFFGVYDGHGGHKVADYCRDRL
HFALAEEIERIKDELCKRNTGEGRQVQWDKVFTSCFLTVDGEIEGKIGRAVVGSSDKVLEAVASETVGSTAVVALVCSSH
IVVSNCGDSRAVLFRGKEAMPLSVDHKPDREDEYARIENAGGKVIQWQGARVFGVLAMSRSIGDRYLKPYVIPEPEVTFM
PRSREDECLILASDGLWDVMNNQEVCEIARRRILMWHKKNGAPPLAERGKGIDPACQAAADYLSMLALQKGSKDNISIIV
IDLKAQRKFKTRT
;
B
#
loop_
_chem_comp.id
_chem_comp.type
_chem_comp.name
_chem_comp.formula
CL non-polymer 'CHLORIDE ION' 'Cl -1'
GOL non-polymer GLYCEROL 'C3 H8 O3'
MN non-polymer 'MANGANESE (II) ION' 'Mn 2'
QPZ non-polymer 1,4-dimethyl-2-oxidanylidene-~{N}-(phenylmethyl)quinoline-6-sulfonamide 'C18 H18 N2 O3 S'
#
# COMPACT_ATOMS: atom_id res chain seq x y z
N ARG A 20 37.34 -27.43 -4.14
CA ARG A 20 36.56 -27.55 -5.38
C ARG A 20 35.27 -26.70 -5.33
N PRO A 21 34.31 -26.95 -6.23
CA PRO A 21 33.05 -26.22 -6.16
C PRO A 21 32.16 -26.70 -5.03
N THR A 22 31.38 -25.77 -4.48
CA THR A 22 30.48 -26.03 -3.38
C THR A 22 29.06 -26.19 -3.88
N TYR A 23 28.26 -27.01 -3.18
CA TYR A 23 26.90 -27.29 -3.59
C TYR A 23 25.94 -27.10 -2.43
N THR A 24 24.72 -26.69 -2.75
CA THR A 24 23.66 -26.62 -1.76
C THR A 24 23.39 -27.99 -1.17
N THR A 25 22.82 -28.00 0.04
CA THR A 25 22.53 -29.24 0.77
C THR A 25 21.11 -29.22 1.30
N HIS A 26 20.15 -28.81 0.46
CA HIS A 26 18.76 -28.77 0.91
C HIS A 26 18.20 -30.15 1.24
N HIS A 27 18.89 -31.22 0.84
CA HIS A 27 18.40 -32.55 1.18
C HIS A 27 18.65 -32.93 2.64
N LEU A 28 19.37 -32.10 3.40
CA LEU A 28 19.71 -32.43 4.78
C LEU A 28 18.62 -32.07 5.78
N ALA A 29 17.61 -31.31 5.37
CA ALA A 29 16.58 -30.85 6.29
C ALA A 29 15.22 -30.94 5.61
N ILE A 30 14.22 -31.39 6.36
CA ILE A 30 12.85 -31.44 5.89
C ILE A 30 12.32 -30.02 5.79
N PRO A 31 11.91 -29.54 4.62
CA PRO A 31 11.38 -28.18 4.54
C PRO A 31 10.06 -28.09 5.29
N SER A 32 9.80 -26.89 5.81
CA SER A 32 8.55 -26.63 6.48
C SER A 32 7.38 -26.99 5.57
N GLY A 33 6.39 -27.68 6.14
CA GLY A 33 5.21 -28.05 5.38
C GLY A 33 5.23 -29.41 4.75
N VAL A 34 6.31 -30.20 4.94
CA VAL A 34 6.38 -31.56 4.43
C VAL A 34 6.46 -32.52 5.62
N THR A 35 5.88 -33.71 5.47
CA THR A 35 5.98 -34.71 6.52
C THR A 35 7.25 -35.55 6.33
N GLN A 36 7.66 -36.21 7.40
CA GLN A 36 8.83 -37.08 7.31
C GLN A 36 8.61 -38.19 6.29
N ASP A 37 7.40 -38.75 6.26
CA ASP A 37 7.08 -39.78 5.26
C ASP A 37 7.17 -39.21 3.85
N GLU A 38 6.52 -38.08 3.59
CA GLU A 38 6.63 -37.43 2.28
C GLU A 38 8.08 -37.17 1.92
N PHE A 39 8.88 -36.71 2.89
CA PHE A 39 10.25 -36.35 2.58
C PHE A 39 11.11 -37.57 2.24
N ASP A 40 10.73 -38.75 2.73
CA ASP A 40 11.50 -39.93 2.36
C ASP A 40 11.44 -40.19 0.87
N GLU A 41 10.35 -39.76 0.22
CA GLU A 41 10.31 -39.78 -1.24
C GLU A 41 10.89 -38.50 -1.82
N LEU A 42 10.49 -37.33 -1.29
CA LEU A 42 10.86 -36.06 -1.90
C LEU A 42 12.35 -35.76 -1.77
N LYS A 43 12.99 -36.31 -0.73
CA LYS A 43 14.44 -36.17 -0.57
C LYS A 43 15.17 -36.50 -1.87
N GLN A 44 14.78 -37.58 -2.53
CA GLN A 44 15.46 -37.95 -3.77
C GLN A 44 15.27 -36.86 -4.83
N SER A 45 14.09 -36.24 -4.87
CA SER A 45 13.81 -35.18 -5.84
C SER A 45 14.62 -33.92 -5.53
N VAL A 46 14.88 -33.64 -4.26
CA VAL A 46 15.72 -32.50 -3.90
C VAL A 46 17.12 -32.68 -4.48
N VAL A 47 17.66 -33.90 -4.38
CA VAL A 47 18.96 -34.18 -4.98
C VAL A 47 18.90 -33.99 -6.49
N GLU A 48 17.83 -34.50 -7.13
CA GLU A 48 17.75 -34.50 -8.60
C GLU A 48 17.61 -33.08 -9.15
N PHE A 49 16.67 -32.30 -8.60
CA PHE A 49 16.21 -31.07 -9.23
C PHE A 49 16.56 -29.80 -8.48
N HIS A 50 16.93 -29.88 -7.21
CA HIS A 50 17.03 -28.71 -6.34
C HIS A 50 18.41 -28.62 -5.70
N THR A 51 19.43 -29.03 -6.44
CA THR A 51 20.82 -28.93 -6.02
C THR A 51 21.54 -27.96 -6.95
N TYR A 52 22.13 -26.93 -6.38
CA TYR A 52 22.82 -25.90 -7.15
C TYR A 52 24.30 -25.89 -6.80
N GLN A 53 25.13 -25.65 -7.81
CA GLN A 53 26.51 -25.27 -7.58
C GLN A 53 26.55 -23.82 -7.13
N LEU A 54 27.18 -23.57 -6.00
CA LEU A 54 27.18 -22.23 -5.40
C LEU A 54 28.34 -21.43 -5.95
N SER A 55 28.07 -20.18 -6.27
CA SER A 55 29.11 -19.23 -6.62
C SER A 55 29.41 -18.37 -5.39
N GLN A 56 30.39 -17.48 -5.50
CA GLN A 56 30.74 -16.63 -4.36
C GLN A 56 29.57 -15.75 -3.96
N ASN A 57 29.39 -15.61 -2.65
CA ASN A 57 28.41 -14.68 -2.07
C ASN A 57 27.00 -14.91 -2.65
N GLN A 58 26.57 -16.17 -2.65
CA GLN A 58 25.21 -16.49 -3.08
C GLN A 58 24.41 -17.07 -1.93
N CYS A 59 23.11 -17.12 -2.16
CA CYS A 59 22.08 -17.47 -1.19
C CYS A 59 21.16 -18.48 -1.86
N SER A 60 20.70 -19.49 -1.11
CA SER A 60 19.83 -20.51 -1.70
C SER A 60 18.85 -21.05 -0.67
N SER A 61 17.65 -21.37 -1.11
CA SER A 61 16.60 -21.81 -0.20
C SER A 61 15.71 -22.82 -0.91
N LEU A 62 15.07 -23.69 -0.12
CA LEU A 62 14.11 -24.68 -0.62
C LEU A 62 12.79 -24.51 0.12
N LEU A 63 11.71 -24.28 -0.62
CA LEU A 63 10.36 -24.12 -0.07
C LEU A 63 9.44 -25.20 -0.60
N ALA A 64 8.45 -25.58 0.21
CA ALA A 64 7.48 -26.61 -0.16
C ALA A 64 6.06 -26.12 0.08
N GLN A 65 5.12 -26.62 -0.70
CA GLN A 65 3.72 -26.24 -0.56
C GLN A 65 2.83 -27.41 -0.95
N ARG A 66 2.02 -27.86 0.00
CA ARG A 66 1.03 -28.91 -0.20
C ARG A 66 -0.20 -28.34 -0.90
N ILE A 67 -0.74 -29.09 -1.87
CA ILE A 67 -1.88 -28.65 -2.67
C ILE A 67 -2.88 -29.80 -2.78
N ARG A 68 -4.14 -29.53 -2.43
CA ARG A 68 -5.18 -30.57 -2.54
C ARG A 68 -5.73 -30.59 -3.98
N ALA A 69 -4.87 -31.05 -4.88
CA ALA A 69 -5.23 -31.18 -6.29
C ALA A 69 -4.30 -32.20 -6.92
N PRO A 70 -4.70 -32.86 -8.00
CA PRO A 70 -3.82 -33.83 -8.63
C PRO A 70 -2.64 -33.15 -9.30
N ASN A 71 -1.51 -33.85 -9.33
CA ASN A 71 -0.30 -33.21 -9.84
C ASN A 71 -0.42 -32.79 -11.30
N ASP A 72 -1.25 -33.49 -12.09
CA ASP A 72 -1.46 -33.05 -13.48
C ASP A 72 -2.15 -31.69 -13.55
N VAL A 73 -3.07 -31.42 -12.61
CA VAL A 73 -3.73 -30.12 -12.59
C VAL A 73 -2.73 -29.04 -12.20
N VAL A 74 -1.96 -29.28 -11.14
CA VAL A 74 -0.98 -28.30 -10.69
C VAL A 74 0.01 -28.01 -11.80
N TRP A 75 0.53 -29.06 -12.44
CA TRP A 75 1.52 -28.86 -13.49
C TRP A 75 0.94 -28.08 -14.66
N SER A 76 -0.31 -28.35 -15.04
CA SER A 76 -0.89 -27.64 -16.17
C SER A 76 -0.91 -26.14 -15.92
N ILE A 77 -1.02 -25.73 -14.65
CA ILE A 77 -0.97 -24.31 -14.30
C ILE A 77 0.47 -23.79 -14.31
N VAL A 78 1.36 -24.54 -13.65
CA VAL A 78 2.73 -24.12 -13.43
C VAL A 78 3.48 -23.97 -14.75
N ARG A 79 3.23 -24.89 -15.69
CA ARG A 79 4.03 -24.96 -16.90
C ARG A 79 3.83 -23.76 -17.83
N ARG A 80 2.81 -22.94 -17.61
CA ARG A 80 2.48 -21.86 -18.54
C ARG A 80 3.44 -20.70 -18.31
N PHE A 81 4.64 -20.83 -18.89
CA PHE A 81 5.69 -19.82 -18.75
C PHE A 81 5.24 -18.46 -19.27
N ASP A 82 4.29 -18.45 -20.21
CA ASP A 82 3.82 -17.21 -20.79
C ASP A 82 2.76 -16.52 -19.96
N GLN A 83 2.29 -17.14 -18.88
CA GLN A 83 1.18 -16.60 -18.10
C GLN A 83 1.46 -16.69 -16.59
N PRO A 84 2.59 -16.16 -16.12
CA PRO A 84 2.90 -16.30 -14.69
C PRO A 84 1.88 -15.62 -13.81
N GLN A 85 1.17 -14.62 -14.33
CA GLN A 85 0.22 -13.89 -13.49
C GLN A 85 -0.95 -14.77 -13.06
N THR A 86 -1.17 -15.89 -13.75
CA THR A 86 -2.25 -16.80 -13.34
C THR A 86 -1.95 -17.49 -12.02
N TYR A 87 -0.68 -17.63 -11.63
CA TYR A 87 -0.43 -18.27 -10.34
C TYR A 87 0.65 -17.58 -9.51
N LYS A 88 0.99 -16.32 -9.81
CA LYS A 88 1.95 -15.58 -9.02
C LYS A 88 1.41 -14.18 -8.76
N HIS A 89 1.89 -13.56 -7.70
CA HIS A 89 1.52 -12.20 -7.37
C HIS A 89 2.48 -11.23 -8.05
N PHE A 90 2.18 -9.92 -7.89
CA PHE A 90 3.07 -8.80 -8.15
C PHE A 90 3.21 -8.43 -9.64
N ILE A 91 2.50 -9.07 -10.55
CA ILE A 91 2.73 -8.88 -11.97
C ILE A 91 1.66 -7.97 -12.53
N LYS A 92 2.08 -6.87 -13.15
CA LYS A 92 1.13 -6.02 -13.88
C LYS A 92 0.88 -6.57 -15.28
N SER A 93 1.94 -6.98 -15.97
CA SER A 93 1.80 -7.50 -17.33
C SER A 93 3.03 -8.34 -17.67
N CYS A 94 2.85 -9.25 -18.63
CA CYS A 94 3.90 -10.16 -19.06
C CYS A 94 3.80 -10.32 -20.57
N SER A 95 4.91 -10.13 -21.27
CA SER A 95 4.91 -10.29 -22.71
C SER A 95 5.98 -11.29 -23.14
N VAL A 96 5.66 -12.01 -24.20
CA VAL A 96 6.55 -12.99 -24.81
C VAL A 96 6.73 -12.62 -26.28
N SER A 97 7.48 -13.46 -27.01
CA SER A 97 7.74 -13.18 -28.41
C SER A 97 6.48 -13.32 -29.26
N ASP A 98 6.50 -12.63 -30.40
CA ASP A 98 5.41 -12.78 -31.36
C ASP A 98 5.27 -14.23 -31.84
N ASN A 99 6.40 -14.90 -32.07
CA ASN A 99 6.41 -16.30 -32.48
C ASN A 99 6.73 -17.22 -31.31
N PHE A 100 6.17 -16.93 -30.14
CA PHE A 100 6.43 -17.73 -28.95
C PHE A 100 5.87 -19.13 -29.11
N THR A 101 6.69 -20.14 -28.87
CA THR A 101 6.27 -21.52 -28.97
C THR A 101 6.49 -22.31 -27.69
N MET A 102 6.93 -21.65 -26.62
CA MET A 102 7.18 -22.30 -25.34
C MET A 102 8.38 -23.25 -25.38
N ALA A 103 9.27 -23.11 -26.36
CA ALA A 103 10.48 -23.89 -26.37
C ALA A 103 11.40 -23.44 -25.24
N VAL A 104 12.26 -24.34 -24.78
CA VAL A 104 13.31 -23.94 -23.86
C VAL A 104 14.15 -22.87 -24.54
N GLY A 105 14.47 -21.81 -23.78
CA GLY A 105 15.14 -20.65 -24.33
C GLY A 105 14.22 -19.49 -24.65
N SER A 106 12.91 -19.69 -24.53
CA SER A 106 11.97 -18.57 -24.60
C SER A 106 12.28 -17.57 -23.51
N THR A 107 11.92 -16.30 -23.75
CA THR A 107 12.06 -15.28 -22.72
C THR A 107 10.72 -14.61 -22.49
N ARG A 108 10.61 -13.96 -21.33
CA ARG A 108 9.45 -13.17 -21.01
C ARG A 108 9.91 -11.88 -20.35
N ASP A 109 9.20 -10.80 -20.64
CA ASP A 109 9.41 -9.49 -20.05
C ASP A 109 8.22 -9.19 -19.15
N VAL A 110 8.49 -8.99 -17.85
CA VAL A 110 7.46 -8.84 -16.85
C VAL A 110 7.54 -7.43 -16.29
N ASN A 111 6.41 -6.74 -16.24
CA ASN A 111 6.29 -5.47 -15.52
C ASN A 111 5.63 -5.74 -14.17
N LEU A 112 6.26 -5.26 -13.11
CA LEU A 112 5.74 -5.51 -11.78
C LEU A 112 4.82 -4.39 -11.35
N ILE A 113 3.94 -4.70 -10.40
CA ILE A 113 3.10 -3.68 -9.79
C ILE A 113 3.98 -2.73 -9.01
N SER A 114 3.42 -1.57 -8.66
CA SER A 114 4.16 -0.53 -7.98
C SER A 114 4.39 -0.86 -6.52
N GLY A 115 5.29 -0.09 -5.89
CA GLY A 115 5.51 -0.18 -4.46
C GLY A 115 6.51 -1.22 -4.02
N LEU A 116 7.19 -1.88 -4.95
CA LEU A 116 8.14 -2.94 -4.66
C LEU A 116 9.57 -2.47 -4.85
N PRO A 117 10.54 -3.19 -4.28
CA PRO A 117 11.95 -2.85 -4.54
C PRO A 117 12.40 -3.41 -5.87
N ALA A 118 11.54 -3.32 -6.88
CA ALA A 118 11.75 -3.88 -8.21
C ALA A 118 10.68 -3.34 -9.13
N ALA A 119 11.03 -3.23 -10.41
CA ALA A 119 10.07 -2.68 -11.39
C ALA A 119 9.82 -3.62 -12.57
N THR A 120 10.85 -4.31 -13.05
CA THR A 120 10.72 -5.17 -14.21
C THR A 120 11.57 -6.41 -14.01
N SER A 121 11.28 -7.43 -14.81
CA SER A 121 12.08 -8.64 -14.76
C SER A 121 12.09 -9.27 -16.15
N THR A 122 13.27 -9.70 -16.59
CA THR A 122 13.45 -10.45 -17.82
C THR A 122 13.95 -11.83 -17.45
N GLU A 123 13.26 -12.87 -17.94
CA GLU A 123 13.48 -14.22 -17.47
C GLU A 123 13.54 -15.17 -18.66
N ARG A 124 14.36 -16.20 -18.53
CA ARG A 124 14.62 -17.17 -19.60
C ARG A 124 14.15 -18.54 -19.14
N LEU A 125 13.49 -19.28 -20.03
CA LEU A 125 13.00 -20.61 -19.72
C LEU A 125 14.09 -21.65 -19.98
N ASP A 126 14.65 -22.22 -18.91
CA ASP A 126 15.79 -23.13 -19.00
C ASP A 126 15.43 -24.60 -18.91
N ILE A 127 14.37 -24.94 -18.18
CA ILE A 127 13.91 -26.32 -18.06
C ILE A 127 12.40 -26.30 -18.24
N LEU A 128 11.89 -27.11 -19.15
CA LEU A 128 10.44 -27.31 -19.25
C LEU A 128 10.25 -28.79 -19.57
N ASP A 129 10.12 -29.57 -18.51
CA ASP A 129 10.14 -31.03 -18.59
C ASP A 129 8.74 -31.51 -18.32
N ASP A 130 7.98 -31.77 -19.39
CA ASP A 130 6.63 -32.28 -19.17
C ASP A 130 6.65 -33.72 -18.67
N ASP A 131 7.74 -34.46 -18.93
CA ASP A 131 7.81 -35.85 -18.48
C ASP A 131 8.05 -35.98 -16.97
N ARG A 132 8.70 -35.01 -16.36
CA ARG A 132 8.95 -35.05 -14.92
C ARG A 132 8.24 -33.92 -14.19
N GLN A 133 7.61 -33.01 -14.93
CA GLN A 133 6.86 -31.90 -14.34
C GLN A 133 7.79 -31.02 -13.52
N VAL A 134 8.82 -30.51 -14.19
CA VAL A 134 9.82 -29.63 -13.61
C VAL A 134 9.94 -28.40 -14.50
N LEU A 135 9.90 -27.21 -13.89
CA LEU A 135 10.02 -25.92 -14.57
C LEU A 135 11.21 -25.16 -14.02
N GLY A 136 12.15 -24.78 -14.88
CA GLY A 136 13.29 -24.00 -14.42
C GLY A 136 13.47 -22.67 -15.15
N ILE A 137 13.75 -21.59 -14.42
CA ILE A 137 13.87 -20.26 -15.02
C ILE A 137 15.11 -19.57 -14.47
N SER A 138 15.73 -18.74 -15.32
CA SER A 138 16.84 -17.88 -14.92
C SER A 138 16.46 -16.43 -15.19
N ILE A 139 16.69 -15.56 -14.21
CA ILE A 139 16.50 -14.12 -14.40
C ILE A 139 17.72 -13.56 -15.12
N ILE A 140 17.50 -12.97 -16.29
CA ILE A 140 18.62 -12.48 -17.09
C ILE A 140 18.61 -10.96 -17.24
N GLY A 141 17.69 -10.26 -16.58
CA GLY A 141 17.69 -8.81 -16.68
C GLY A 141 16.55 -8.22 -15.88
N GLY A 142 16.40 -6.91 -16.00
CA GLY A 142 15.36 -6.17 -15.33
C GLY A 142 15.89 -5.26 -14.23
N GLU A 143 14.98 -4.47 -13.68
CA GLU A 143 15.30 -3.51 -12.63
C GLU A 143 14.88 -4.13 -11.30
N HIS A 144 15.86 -4.64 -10.56
CA HIS A 144 15.60 -5.38 -9.33
C HIS A 144 16.95 -5.72 -8.71
N ARG A 145 16.91 -6.33 -7.52
CA ARG A 145 18.12 -6.63 -6.74
C ARG A 145 18.34 -8.13 -6.53
N LEU A 146 17.77 -8.98 -7.37
CA LEU A 146 18.00 -10.43 -7.28
C LEU A 146 18.77 -10.89 -8.53
N ARG A 147 20.03 -10.47 -8.60
CA ARG A 147 20.85 -10.72 -9.78
C ARG A 147 21.23 -12.19 -9.84
N ASN A 148 21.14 -12.77 -11.04
CA ASN A 148 21.54 -14.16 -11.27
C ASN A 148 20.66 -15.14 -10.53
N TYR A 149 19.41 -14.74 -10.30
CA TYR A 149 18.43 -15.62 -9.69
C TYR A 149 18.11 -16.78 -10.63
N ARG A 150 18.22 -18.00 -10.11
CA ARG A 150 17.83 -19.19 -10.83
C ARG A 150 16.94 -20.01 -9.92
N SER A 151 15.87 -20.58 -10.46
CA SER A 151 14.93 -21.31 -9.62
C SER A 151 14.39 -22.52 -10.36
N VAL A 152 13.91 -23.47 -9.58
CA VAL A 152 13.31 -24.68 -10.09
C VAL A 152 12.08 -24.96 -9.24
N ILE A 153 10.97 -25.26 -9.90
CA ILE A 153 9.79 -25.79 -9.23
C ILE A 153 9.51 -27.17 -9.80
N SER A 154 9.27 -28.13 -8.92
CA SER A 154 8.95 -29.49 -9.31
C SER A 154 7.66 -29.90 -8.61
N VAL A 155 6.84 -30.68 -9.31
CA VAL A 155 5.50 -31.05 -8.85
C VAL A 155 5.50 -32.55 -8.57
N HIS A 156 4.92 -32.95 -7.43
CA HIS A 156 4.99 -34.33 -6.97
C HIS A 156 3.63 -34.79 -6.47
N GLY A 157 3.11 -35.86 -7.08
CA GLY A 157 1.81 -36.38 -6.72
C GLY A 157 1.91 -37.46 -5.65
N PHE A 158 0.92 -37.48 -4.76
CA PHE A 158 0.78 -38.50 -3.73
C PHE A 158 -0.63 -39.03 -3.72
N ASN A 159 -0.77 -40.33 -3.48
CA ASN A 159 -2.07 -40.99 -3.35
C ASN A 159 -2.20 -41.46 -1.91
N ARG A 160 -2.98 -40.73 -1.12
CA ARG A 160 -3.12 -41.03 0.31
C ARG A 160 -4.35 -41.90 0.56
N ASP A 161 -4.30 -43.12 0.04
CA ASP A 161 -5.38 -44.08 0.17
C ASP A 161 -6.69 -43.48 -0.34
N GLY A 162 -6.71 -43.25 -1.66
CA GLY A 162 -7.82 -42.60 -2.33
C GLY A 162 -7.70 -41.10 -2.39
N ALA A 163 -7.18 -40.48 -1.33
CA ALA A 163 -7.03 -39.03 -1.28
C ALA A 163 -5.80 -38.63 -2.10
N ILE A 164 -6.02 -37.79 -3.10
CA ILE A 164 -4.97 -37.37 -4.02
C ILE A 164 -4.55 -35.94 -3.69
N CYS A 165 -3.25 -35.71 -3.62
CA CYS A 165 -2.73 -34.40 -3.32
C CYS A 165 -1.40 -34.23 -4.04
N THR A 166 -0.88 -33.02 -3.96
CA THR A 166 0.37 -32.66 -4.59
C THR A 166 1.24 -31.93 -3.57
N VAL A 167 2.55 -32.10 -3.69
CA VAL A 167 3.51 -31.24 -3.01
C VAL A 167 4.33 -30.57 -4.09
N ALA A 168 4.36 -29.24 -4.06
CA ALA A 168 5.27 -28.50 -4.94
C ALA A 168 6.53 -28.19 -4.15
N LEU A 169 7.68 -28.40 -4.79
CA LEU A 169 8.97 -27.96 -4.27
C LEU A 169 9.48 -26.84 -5.15
N GLU A 170 9.93 -25.75 -4.53
CA GLU A 170 10.51 -24.65 -5.27
C GLU A 170 11.76 -24.18 -4.53
N SER A 171 12.87 -24.10 -5.25
CA SER A 171 14.12 -23.62 -4.71
C SER A 171 14.66 -22.54 -5.62
N TYR A 172 15.67 -21.82 -5.12
CA TYR A 172 16.32 -20.79 -5.91
C TYR A 172 17.75 -20.64 -5.42
N VAL A 173 18.58 -20.11 -6.29
CA VAL A 173 19.88 -19.59 -5.92
C VAL A 173 19.95 -18.18 -6.46
N VAL A 174 20.58 -17.28 -5.71
CA VAL A 174 20.68 -15.88 -6.12
C VAL A 174 21.91 -15.25 -5.49
N ASP A 175 22.42 -14.21 -6.14
CA ASP A 175 23.48 -13.39 -5.56
C ASP A 175 22.93 -12.60 -4.38
N VAL A 176 23.75 -12.47 -3.34
CA VAL A 176 23.44 -11.54 -2.25
C VAL A 176 23.83 -10.15 -2.72
N PRO A 177 22.89 -9.21 -2.84
CA PRO A 177 23.25 -7.87 -3.32
C PRO A 177 24.14 -7.14 -2.33
N GLU A 178 25.02 -6.31 -2.87
CA GLU A 178 25.92 -5.51 -2.03
C GLU A 178 25.12 -4.69 -1.04
N GLY A 179 25.58 -4.66 0.21
CA GLY A 179 24.88 -3.98 1.27
C GLY A 179 23.95 -4.86 2.08
N ASN A 180 23.65 -6.08 1.63
CA ASN A 180 22.73 -6.96 2.34
C ASN A 180 23.43 -8.26 2.72
N THR A 181 22.85 -8.95 3.69
CA THR A 181 23.35 -10.23 4.15
C THR A 181 22.59 -11.36 3.48
N GLU A 182 23.12 -12.58 3.65
CA GLU A 182 22.38 -13.74 3.17
C GLU A 182 21.05 -13.90 3.90
N GLU A 183 21.05 -13.62 5.21
CA GLU A 183 19.81 -13.69 5.97
C GLU A 183 18.77 -12.73 5.40
N ASP A 184 19.18 -11.48 5.13
CA ASP A 184 18.29 -10.53 4.47
C ASP A 184 17.74 -11.10 3.18
N THR A 185 18.62 -11.58 2.30
CA THR A 185 18.23 -12.03 0.97
C THR A 185 17.27 -13.21 1.05
N ARG A 186 17.56 -14.18 1.92
CA ARG A 186 16.65 -15.34 2.01
C ARG A 186 15.29 -14.91 2.56
N LEU A 187 15.28 -14.05 3.58
CA LEU A 187 14.01 -13.56 4.11
C LEU A 187 13.15 -12.95 3.02
N PHE A 188 13.74 -12.06 2.22
CA PHE A 188 12.99 -11.41 1.14
C PHE A 188 12.57 -12.41 0.07
N ALA A 189 13.52 -13.18 -0.47
CA ALA A 189 13.16 -14.11 -1.54
C ALA A 189 12.17 -15.18 -1.06
N ASP A 190 12.42 -15.75 0.12
CA ASP A 190 11.48 -16.73 0.69
C ASP A 190 10.07 -16.14 0.77
N THR A 191 9.96 -14.89 1.24
CA THR A 191 8.65 -14.28 1.39
C THR A 191 7.91 -14.26 0.06
N VAL A 192 8.59 -13.83 -1.01
CA VAL A 192 7.91 -13.73 -2.31
C VAL A 192 7.56 -15.13 -2.82
N VAL A 193 8.49 -16.07 -2.69
CA VAL A 193 8.22 -17.44 -3.18
C VAL A 193 7.05 -18.04 -2.41
N LYS A 194 7.08 -17.92 -1.08
CA LYS A 194 5.98 -18.45 -0.27
C LYS A 194 4.63 -17.84 -0.66
N LEU A 195 4.60 -16.51 -0.87
CA LEU A 195 3.34 -15.87 -1.26
C LEU A 195 2.84 -16.41 -2.60
N ASN A 196 3.74 -16.59 -3.57
CA ASN A 196 3.32 -17.11 -4.85
C ASN A 196 2.83 -18.55 -4.72
N LEU A 197 3.50 -19.34 -3.89
CA LEU A 197 3.07 -20.71 -3.69
C LEU A 197 1.67 -20.77 -3.08
N GLN A 198 1.33 -19.77 -2.25
CA GLN A 198 -0.02 -19.73 -1.68
C GLN A 198 -1.05 -19.35 -2.73
N LYS A 199 -0.68 -18.54 -3.72
CA LYS A 199 -1.61 -18.28 -4.81
C LYS A 199 -1.81 -19.54 -5.66
N LEU A 200 -0.73 -20.27 -5.92
CA LEU A 200 -0.83 -21.50 -6.69
C LEU A 200 -1.79 -22.48 -6.01
N VAL A 201 -1.72 -22.58 -4.68
CA VAL A 201 -2.68 -23.39 -3.94
C VAL A 201 -4.10 -22.97 -4.27
N SER A 202 -4.38 -21.67 -4.14
CA SER A 202 -5.74 -21.20 -4.36
C SER A 202 -6.19 -21.48 -5.79
N VAL A 203 -5.31 -21.22 -6.77
CA VAL A 203 -5.71 -21.40 -8.17
C VAL A 203 -5.90 -22.88 -8.48
N ALA A 204 -4.99 -23.74 -7.98
CA ALA A 204 -5.12 -25.17 -8.29
C ALA A 204 -6.31 -25.79 -7.57
N GLU A 205 -6.48 -25.49 -6.28
CA GLU A 205 -7.57 -26.10 -5.53
C GLU A 205 -8.94 -25.65 -6.03
N SER A 206 -9.04 -24.45 -6.61
CA SER A 206 -10.32 -23.98 -7.11
C SER A 206 -10.70 -24.62 -8.44
N GLN A 207 -9.83 -25.43 -9.04
CA GLN A 207 -10.17 -26.19 -10.23
C GLN A 207 -10.50 -27.65 -9.92
N VAL A 208 -10.62 -28.03 -8.64
CA VAL A 208 -10.77 -29.43 -8.26
C VAL A 208 -11.79 -29.55 -7.12
N ILE A 209 -12.83 -30.35 -7.34
CA ILE A 209 -13.85 -30.56 -6.31
C ILE A 209 -13.51 -31.62 -5.25
N CYS B 8 -17.96 29.38 8.37
CA CYS B 8 -16.83 28.55 7.97
C CYS B 8 -16.93 28.23 6.49
N ILE B 9 -16.50 29.17 5.64
CA ILE B 9 -16.56 29.00 4.20
C ILE B 9 -15.35 28.20 3.76
N PRO B 10 -15.54 27.05 3.10
CA PRO B 10 -14.39 26.20 2.75
C PRO B 10 -13.63 26.79 1.57
N LEU B 11 -12.34 27.05 1.79
CA LEU B 11 -11.42 27.60 0.79
C LEU B 11 -10.34 26.56 0.51
N TRP B 12 -10.33 26.00 -0.70
CA TRP B 12 -9.38 24.93 -1.01
C TRP B 12 -9.05 24.92 -2.50
N GLY B 13 -7.94 24.27 -2.81
CA GLY B 13 -7.55 24.04 -4.20
C GLY B 13 -6.83 22.71 -4.25
N THR B 14 -6.75 22.13 -5.46
CA THR B 14 -6.21 20.78 -5.54
C THR B 14 -5.51 20.55 -6.86
N VAL B 15 -4.45 19.74 -6.82
CA VAL B 15 -3.80 19.23 -8.03
C VAL B 15 -3.49 17.77 -7.78
N SER B 16 -3.71 16.92 -8.78
CA SER B 16 -3.39 15.51 -8.59
C SER B 16 -2.84 15.02 -9.91
N ILE B 17 -1.54 14.77 -9.97
CA ILE B 17 -0.91 14.46 -11.25
C ILE B 17 -0.21 13.12 -11.15
N GLN B 18 -0.12 12.48 -12.31
CA GLN B 18 0.52 11.19 -12.45
C GLN B 18 2.03 11.33 -12.56
N GLY B 19 2.48 12.39 -13.24
CA GLY B 19 3.91 12.61 -13.41
C GLY B 19 4.58 11.52 -14.21
N ASN B 20 5.80 11.20 -13.82
CA ASN B 20 6.62 10.28 -14.60
C ASN B 20 6.20 8.82 -14.48
N ARG B 21 5.17 8.50 -13.69
CA ARG B 21 4.81 7.11 -13.43
C ARG B 21 3.97 6.51 -14.56
N SER B 22 4.10 5.19 -14.75
CA SER B 22 3.31 4.54 -15.79
C SER B 22 1.83 4.44 -15.42
N GLU B 23 1.49 4.53 -14.13
CA GLU B 23 0.11 4.45 -13.67
C GLU B 23 -0.19 5.61 -12.74
N MET B 24 -1.45 6.03 -12.71
CA MET B 24 -1.96 6.94 -11.68
C MET B 24 -2.60 6.12 -10.58
N GLU B 25 -1.99 6.15 -9.39
CA GLU B 25 -2.52 5.44 -8.23
C GLU B 25 -2.78 6.37 -7.04
N ASP B 26 -2.60 7.69 -7.21
CA ASP B 26 -3.05 8.68 -6.24
C ASP B 26 -4.52 8.95 -6.45
N ALA B 27 -5.25 9.17 -5.36
CA ALA B 27 -6.63 9.64 -5.44
C ALA B 27 -6.86 10.66 -4.34
N PHE B 28 -7.94 11.42 -4.48
CA PHE B 28 -8.24 12.40 -3.45
C PHE B 28 -9.74 12.63 -3.44
N ALA B 29 -10.23 13.19 -2.33
CA ALA B 29 -11.65 13.50 -2.20
C ALA B 29 -11.78 14.81 -1.45
N VAL B 30 -12.68 15.65 -1.93
CA VAL B 30 -13.06 16.88 -1.23
C VAL B 30 -14.56 16.90 -1.16
N SER B 31 -15.10 17.00 0.05
CA SER B 31 -16.55 17.02 0.23
C SER B 31 -16.86 18.17 1.18
N PRO B 32 -17.08 19.36 0.64
CA PRO B 32 -17.44 20.51 1.49
C PRO B 32 -18.85 20.38 2.04
N HIS B 33 -19.03 20.91 3.25
CA HIS B 33 -20.32 20.87 3.95
C HIS B 33 -20.85 19.45 4.04
N PHE B 34 -19.93 18.50 4.21
CA PHE B 34 -20.34 17.11 4.11
C PHE B 34 -21.07 16.61 5.36
N LEU B 35 -20.67 17.09 6.53
CA LEU B 35 -21.11 16.51 7.79
C LEU B 35 -21.68 17.58 8.70
N LYS B 36 -22.65 17.19 9.52
CA LYS B 36 -23.16 18.05 10.57
C LYS B 36 -22.65 17.44 11.86
N LEU B 37 -21.53 17.98 12.35
CA LEU B 37 -20.86 17.41 13.51
C LEU B 37 -21.57 17.86 14.77
N PRO B 38 -21.98 16.95 15.65
CA PRO B 38 -22.66 17.36 16.88
C PRO B 38 -21.77 18.28 17.68
N ILE B 39 -22.33 19.41 18.13
CA ILE B 39 -21.53 20.38 18.86
C ILE B 39 -20.86 19.74 20.06
N LYS B 40 -21.41 18.65 20.58
CA LYS B 40 -20.82 18.02 21.75
C LYS B 40 -19.53 17.27 21.41
N MET B 41 -19.33 16.88 20.15
CA MET B 41 -18.07 16.25 19.77
C MET B 41 -16.94 17.26 19.63
N LEU B 42 -17.23 18.55 19.72
CA LEU B 42 -16.23 19.59 19.57
C LEU B 42 -16.04 20.42 20.82
N MET B 43 -17.11 20.72 21.56
CA MET B 43 -17.02 21.59 22.73
C MET B 43 -18.26 21.38 23.58
N GLY B 44 -18.21 21.92 24.80
CA GLY B 44 -19.33 21.94 25.69
C GLY B 44 -19.96 23.32 25.78
N ASP B 45 -20.88 23.46 26.72
CA ASP B 45 -21.57 24.72 26.91
C ASP B 45 -20.79 25.63 27.86
N HIS B 46 -21.02 26.93 27.72
CA HIS B 46 -20.36 27.91 28.57
C HIS B 46 -21.12 29.22 28.45
N GLU B 47 -21.16 29.97 29.54
CA GLU B 47 -21.84 31.28 29.53
C GLU B 47 -21.25 32.09 28.40
N GLU B 49 -23.88 31.08 25.91
CA GLU B 49 -25.35 30.99 25.76
C GLU B 49 -25.73 31.05 24.29
N SER B 50 -25.46 29.98 23.53
CA SER B 50 -25.74 29.97 22.09
C SER B 50 -26.74 28.84 21.82
N PRO B 51 -28.03 29.06 22.10
CA PRO B 51 -28.96 27.93 21.99
C PRO B 51 -29.10 27.44 20.56
N SER B 52 -29.06 28.36 19.59
CA SER B 52 -29.12 28.01 18.18
C SER B 52 -27.99 27.04 17.79
N LEU B 53 -26.82 27.16 18.42
CA LEU B 53 -25.70 26.28 18.11
C LEU B 53 -26.04 24.84 18.50
N THR B 54 -26.32 24.00 17.50
CA THR B 54 -26.59 22.57 17.69
C THR B 54 -25.59 21.68 16.98
N HIS B 55 -24.92 22.19 15.96
CA HIS B 55 -23.93 21.43 15.21
C HIS B 55 -23.02 22.43 14.51
N LEU B 56 -21.91 21.91 14.00
CA LEU B 56 -21.08 22.71 13.11
C LEU B 56 -20.91 21.93 11.83
N THR B 57 -20.88 22.63 10.72
CA THR B 57 -20.66 21.99 9.44
C THR B 57 -19.22 21.53 9.33
N GLY B 58 -19.01 20.30 8.86
CA GLY B 58 -17.69 19.73 8.73
C GLY B 58 -17.35 19.52 7.29
N HIS B 59 -16.14 19.93 6.90
CA HIS B 59 -15.66 19.77 5.53
C HIS B 59 -14.66 18.64 5.49
N PHE B 60 -14.80 17.76 4.51
CA PHE B 60 -13.97 16.55 4.44
C PHE B 60 -12.94 16.69 3.34
N PHE B 61 -11.69 16.36 3.66
CA PHE B 61 -10.59 16.35 2.70
C PHE B 61 -9.79 15.07 2.87
N GLY B 62 -9.50 14.38 1.77
CA GLY B 62 -8.74 13.14 1.86
C GLY B 62 -7.77 12.95 0.70
N VAL B 63 -6.59 12.42 0.99
CA VAL B 63 -5.61 12.08 -0.04
C VAL B 63 -5.21 10.63 0.17
N TYR B 64 -5.19 9.85 -0.91
CA TYR B 64 -5.02 8.40 -0.86
C TYR B 64 -3.94 8.02 -1.87
N ASP B 65 -2.78 7.59 -1.38
CA ASP B 65 -1.62 7.27 -2.23
C ASP B 65 -1.58 5.75 -2.38
N GLY B 66 -2.06 5.26 -3.53
CA GLY B 66 -2.18 3.82 -3.70
C GLY B 66 -0.85 3.18 -4.04
N HIS B 67 -0.72 1.88 -3.73
CA HIS B 67 0.47 1.14 -4.12
C HIS B 67 0.05 -0.27 -4.48
N GLY B 68 0.79 -0.87 -5.41
CA GLY B 68 0.43 -2.14 -5.98
C GLY B 68 -0.74 -2.11 -6.94
N GLY B 69 -1.29 -0.95 -7.23
CA GLY B 69 -2.50 -0.83 -8.03
C GLY B 69 -3.26 0.41 -7.60
N HIS B 70 -4.37 0.65 -8.31
CA HIS B 70 -5.14 1.88 -8.06
C HIS B 70 -6.46 1.65 -7.33
N LYS B 71 -6.94 0.41 -7.22
CA LYS B 71 -8.32 0.19 -6.83
C LYS B 71 -8.57 0.49 -5.35
N VAL B 72 -7.56 0.33 -4.49
CA VAL B 72 -7.79 0.64 -3.07
C VAL B 72 -7.86 2.15 -2.87
N ALA B 73 -6.95 2.90 -3.48
CA ALA B 73 -7.03 4.35 -3.38
C ALA B 73 -8.34 4.89 -3.94
N ASP B 74 -8.78 4.35 -5.07
CA ASP B 74 -10.07 4.74 -5.65
C ASP B 74 -11.23 4.41 -4.72
N TYR B 75 -11.18 3.23 -4.09
CA TYR B 75 -12.24 2.88 -3.16
C TYR B 75 -12.27 3.84 -1.98
N CYS B 76 -11.10 4.17 -1.43
CA CYS B 76 -11.06 5.16 -0.35
C CYS B 76 -11.66 6.48 -0.80
N ARG B 77 -11.35 6.90 -2.02
CA ARG B 77 -11.91 8.15 -2.53
C ARG B 77 -13.44 8.09 -2.58
N ASP B 78 -13.99 6.94 -2.96
CA ASP B 78 -15.43 6.83 -3.15
C ASP B 78 -16.19 6.48 -1.88
N ARG B 79 -15.51 5.93 -0.87
CA ARG B 79 -16.18 5.28 0.26
C ARG B 79 -15.82 5.88 1.62
N LEU B 80 -14.57 6.31 1.81
CA LEU B 80 -14.10 6.52 3.17
C LEU B 80 -14.91 7.58 3.91
N HIS B 81 -15.23 8.68 3.24
CA HIS B 81 -15.99 9.72 3.95
C HIS B 81 -17.41 9.27 4.26
N PHE B 82 -17.99 8.37 3.45
CA PHE B 82 -19.30 7.84 3.84
C PHE B 82 -19.20 6.89 5.01
N ALA B 83 -18.10 6.12 5.10
CA ALA B 83 -17.93 5.27 6.28
C ALA B 83 -17.75 6.13 7.52
N LEU B 84 -17.11 7.29 7.37
CA LEU B 84 -16.98 8.20 8.51
C LEU B 84 -18.33 8.72 8.94
N ALA B 85 -19.15 9.19 7.98
CA ALA B 85 -20.47 9.72 8.34
C ALA B 85 -21.30 8.65 9.03
N GLU B 86 -21.16 7.40 8.60
CA GLU B 86 -21.89 6.32 9.26
C GLU B 86 -21.44 6.16 10.71
N GLU B 87 -20.14 6.29 10.98
CA GLU B 87 -19.66 6.22 12.36
C GLU B 87 -20.24 7.34 13.20
N ILE B 88 -20.25 8.56 12.66
CA ILE B 88 -20.78 9.70 13.40
C ILE B 88 -22.28 9.52 13.63
N GLU B 89 -22.99 8.96 12.65
CA GLU B 89 -24.42 8.69 12.83
C GLU B 89 -24.66 7.73 13.99
N ARG B 90 -23.79 6.72 14.13
CA ARG B 90 -23.96 5.79 15.26
C ARG B 90 -23.79 6.52 16.58
N ILE B 91 -23.07 7.64 16.58
CA ILE B 91 -22.91 8.41 17.82
C ILE B 91 -24.10 9.35 18.03
N LYS B 92 -24.74 9.81 16.95
CA LYS B 92 -25.95 10.63 17.11
C LYS B 92 -27.14 9.81 17.58
N ASP B 93 -27.19 8.52 17.22
CA ASP B 93 -28.22 7.62 17.72
C ASP B 93 -27.78 6.88 18.98
N GLU B 94 -26.73 7.36 19.64
CA GLU B 94 -26.29 6.82 20.92
C GLU B 94 -25.94 7.95 21.89
N LEU B 95 -26.63 9.09 21.76
CA LEU B 95 -26.35 10.27 22.58
C LEU B 95 -27.59 11.17 22.66
N THR B 100 -16.74 16.43 28.13
CA THR B 100 -15.37 16.15 28.58
C THR B 100 -14.34 16.50 27.48
N GLY B 101 -13.32 17.26 27.87
CA GLY B 101 -12.26 17.59 26.91
C GLY B 101 -11.43 16.38 26.52
N GLU B 102 -10.95 15.61 27.50
CA GLU B 102 -10.16 14.42 27.19
C GLU B 102 -11.03 13.38 26.48
N GLY B 103 -12.32 13.34 26.83
CA GLY B 103 -13.22 12.42 26.17
C GLY B 103 -13.32 12.69 24.68
N ARG B 104 -13.32 13.97 24.29
CA ARG B 104 -13.43 14.32 22.88
C ARG B 104 -12.27 13.73 22.08
N GLN B 105 -11.06 13.81 22.63
CA GLN B 105 -9.89 13.25 21.93
C GLN B 105 -10.06 11.76 21.72
N VAL B 106 -10.45 11.03 22.78
CA VAL B 106 -10.64 9.59 22.69
C VAL B 106 -11.80 9.27 21.76
N GLN B 107 -12.89 10.05 21.85
CA GLN B 107 -14.02 9.82 20.98
C GLN B 107 -13.62 9.92 19.50
N TRP B 108 -12.84 10.95 19.16
CA TRP B 108 -12.45 11.12 17.76
C TRP B 108 -11.49 10.03 17.30
N ASP B 109 -10.57 9.58 18.16
CA ASP B 109 -9.71 8.49 17.69
C ASP B 109 -10.49 7.19 17.57
N LYS B 110 -11.51 7.00 18.40
CA LYS B 110 -12.38 5.84 18.21
C LYS B 110 -13.17 5.91 16.91
N VAL B 111 -13.70 7.10 16.61
CA VAL B 111 -14.48 7.27 15.38
C VAL B 111 -13.62 7.00 14.16
N PHE B 112 -12.43 7.59 14.12
CA PHE B 112 -11.60 7.44 12.93
C PHE B 112 -10.99 6.06 12.86
N THR B 113 -10.63 5.48 14.00
CA THR B 113 -10.12 4.11 13.98
C THR B 113 -11.18 3.16 13.45
N SER B 114 -12.41 3.29 13.95
CA SER B 114 -13.48 2.41 13.46
C SER B 114 -13.70 2.62 11.98
N CYS B 115 -13.69 3.87 11.51
CA CYS B 115 -13.87 4.14 10.09
C CYS B 115 -12.76 3.51 9.25
N PHE B 116 -11.50 3.74 9.62
CA PHE B 116 -10.39 3.17 8.86
C PHE B 116 -10.43 1.64 8.87
N LEU B 117 -10.75 1.04 10.01
CA LEU B 117 -10.80 -0.42 10.07
C LEU B 117 -11.97 -0.97 9.26
N THR B 118 -13.10 -0.27 9.24
CA THR B 118 -14.22 -0.69 8.42
C THR B 118 -13.86 -0.71 6.94
N VAL B 119 -13.22 0.36 6.45
CA VAL B 119 -12.83 0.41 5.05
C VAL B 119 -11.82 -0.69 4.74
N ASP B 120 -10.83 -0.88 5.62
CA ASP B 120 -9.82 -1.91 5.40
C ASP B 120 -10.47 -3.29 5.27
N GLY B 121 -11.46 -3.58 6.13
CA GLY B 121 -12.10 -4.88 6.09
C GLY B 121 -13.00 -5.06 4.89
N GLU B 122 -13.68 -3.99 4.46
CA GLU B 122 -14.43 -4.03 3.21
C GLU B 122 -13.50 -4.34 2.03
N ILE B 123 -12.36 -3.66 1.96
CA ILE B 123 -11.38 -3.88 0.90
C ILE B 123 -10.90 -5.33 0.87
N GLU B 124 -10.64 -5.89 2.05
CA GLU B 124 -10.11 -7.25 2.15
C GLU B 124 -11.18 -8.31 1.91
N GLY B 125 -12.43 -7.91 1.72
CA GLY B 125 -13.51 -8.86 1.54
C GLY B 125 -13.97 -9.53 2.82
N LYS B 126 -13.73 -8.90 3.96
CA LYS B 126 -14.05 -9.48 5.25
C LYS B 126 -15.21 -8.77 5.95
N ILE B 127 -15.58 -7.57 5.50
CA ILE B 127 -16.76 -6.85 5.98
C ILE B 127 -17.68 -6.63 4.79
N GLY B 128 -18.98 -6.85 4.99
CA GLY B 128 -19.92 -6.77 3.89
C GLY B 128 -20.07 -5.34 3.39
N ARG B 129 -20.30 -5.21 2.08
CA ARG B 129 -20.48 -3.92 1.42
C ARG B 129 -21.91 -3.76 0.94
N ALA B 130 -22.43 -2.55 1.07
CA ALA B 130 -23.82 -2.28 0.69
C ALA B 130 -24.05 -2.58 -0.79
N VAL B 131 -25.14 -3.28 -1.08
CA VAL B 131 -25.51 -3.65 -2.44
C VAL B 131 -26.90 -3.10 -2.73
N VAL B 132 -26.97 -1.93 -3.36
CA VAL B 132 -28.18 -1.38 -3.97
C VAL B 132 -29.12 -2.48 -4.44
N ASP B 136 -28.28 -7.84 -0.43
CA ASP B 136 -27.86 -7.05 0.72
C ASP B 136 -26.38 -6.76 0.71
N LYS B 137 -25.70 -6.97 1.83
CA LYS B 137 -24.27 -6.75 1.88
C LYS B 137 -23.55 -7.89 1.17
N VAL B 138 -22.44 -7.58 0.52
CA VAL B 138 -21.67 -8.53 -0.26
C VAL B 138 -20.27 -8.58 0.31
N LEU B 139 -19.72 -9.79 0.48
CA LEU B 139 -18.35 -10.00 0.94
C LEU B 139 -17.49 -10.31 -0.27
N GLU B 140 -16.70 -9.33 -0.70
CA GLU B 140 -15.85 -9.55 -1.87
C GLU B 140 -14.70 -8.56 -1.84
N ALA B 141 -13.48 -9.05 -2.05
CA ALA B 141 -12.34 -8.16 -2.05
C ALA B 141 -12.50 -7.13 -3.15
N VAL B 142 -12.13 -5.89 -2.85
CA VAL B 142 -12.16 -4.82 -3.83
C VAL B 142 -10.97 -4.89 -4.77
N ALA B 143 -9.83 -5.39 -4.30
CA ALA B 143 -8.63 -5.44 -5.09
C ALA B 143 -7.84 -6.69 -4.70
N SER B 144 -6.82 -6.99 -5.49
CA SER B 144 -5.90 -8.07 -5.18
C SER B 144 -5.32 -7.88 -3.78
N GLU B 145 -4.86 -8.97 -3.17
CA GLU B 145 -4.39 -8.86 -1.79
C GLU B 145 -3.07 -8.11 -1.68
N THR B 146 -2.44 -7.76 -2.79
CA THR B 146 -1.19 -7.00 -2.78
C THR B 146 -1.40 -5.51 -3.02
N VAL B 147 -2.65 -5.04 -3.05
CA VAL B 147 -2.96 -3.64 -3.33
C VAL B 147 -3.33 -2.95 -2.03
N GLY B 148 -2.87 -1.72 -1.86
CA GLY B 148 -3.27 -0.96 -0.70
C GLY B 148 -3.18 0.52 -0.98
N SER B 149 -3.28 1.30 0.09
CA SER B 149 -3.20 2.75 -0.09
C SER B 149 -2.89 3.41 1.24
N THR B 150 -2.19 4.54 1.19
CA THR B 150 -2.22 5.41 2.35
C THR B 150 -3.57 6.08 2.45
N ALA B 151 -3.81 6.73 3.60
CA ALA B 151 -4.93 7.64 3.75
C ALA B 151 -4.52 8.72 4.73
N VAL B 152 -4.61 9.97 4.30
CA VAL B 152 -4.55 11.09 5.23
C VAL B 152 -5.84 11.88 5.05
N VAL B 153 -6.57 12.09 6.14
CA VAL B 153 -7.91 12.68 6.08
C VAL B 153 -7.95 13.82 7.09
N ALA B 154 -8.64 14.91 6.69
CA ALA B 154 -8.82 16.06 7.55
C ALA B 154 -10.29 16.44 7.57
N LEU B 155 -10.83 16.63 8.77
CA LEU B 155 -12.13 17.23 8.98
C LEU B 155 -11.88 18.65 9.48
N VAL B 156 -12.46 19.63 8.80
CA VAL B 156 -12.26 21.02 9.18
C VAL B 156 -13.63 21.63 9.50
N CYS B 157 -13.75 22.23 10.67
CA CYS B 157 -14.92 23.01 11.00
C CYS B 157 -14.44 24.34 11.58
N SER B 158 -15.38 25.19 11.98
CA SER B 158 -14.96 26.53 12.42
C SER B 158 -14.08 26.46 13.67
N SER B 159 -14.29 25.45 14.52
CA SER B 159 -13.60 25.39 15.82
C SER B 159 -12.41 24.45 15.87
N HIS B 160 -12.37 23.39 15.07
CA HIS B 160 -11.34 22.36 15.20
C HIS B 160 -10.95 21.81 13.83
N ILE B 161 -9.75 21.22 13.80
CA ILE B 161 -9.27 20.39 12.69
C ILE B 161 -9.05 19.00 13.28
N VAL B 162 -9.59 17.97 12.63
CA VAL B 162 -9.31 16.59 13.01
C VAL B 162 -8.61 15.92 11.84
N VAL B 163 -7.45 15.33 12.10
CA VAL B 163 -6.66 14.65 11.09
C VAL B 163 -6.51 13.20 11.52
N SER B 164 -6.68 12.29 10.57
CA SER B 164 -6.48 10.86 10.79
C SER B 164 -5.54 10.38 9.70
N ASN B 165 -4.46 9.71 10.08
CA ASN B 165 -3.45 9.35 9.11
C ASN B 165 -3.07 7.89 9.23
N CYS B 166 -2.94 7.24 8.09
CA CYS B 166 -2.46 5.86 8.03
C CYS B 166 -1.52 5.79 6.84
N GLY B 167 -0.22 5.74 7.10
CA GLY B 167 0.76 5.70 6.04
C GLY B 167 1.70 6.89 6.00
N ASP B 168 2.27 7.19 4.83
CA ASP B 168 3.25 8.27 4.69
C ASP B 168 2.79 9.39 3.79
N SER B 169 1.49 9.51 3.52
CA SER B 169 1.00 10.82 3.13
C SER B 169 0.91 11.68 4.40
N ARG B 170 0.80 12.99 4.23
CA ARG B 170 1.02 13.86 5.37
C ARG B 170 0.09 15.04 5.31
N ALA B 171 -0.35 15.49 6.48
CA ALA B 171 -1.07 16.75 6.64
C ALA B 171 -0.21 17.68 7.48
N VAL B 172 -0.06 18.92 7.03
CA VAL B 172 0.78 19.88 7.74
C VAL B 172 -0.02 21.16 7.93
N LEU B 173 -0.10 21.62 9.16
CA LEU B 173 -0.77 22.86 9.53
C LEU B 173 0.27 23.97 9.63
N PHE B 174 -0.01 25.12 9.00
CA PHE B 174 0.87 26.28 9.13
C PHE B 174 0.18 27.22 10.11
N ARG B 175 0.80 27.44 11.27
CA ARG B 175 0.21 28.23 12.33
C ARG B 175 1.22 29.31 12.71
N GLY B 176 0.83 30.56 12.54
CA GLY B 176 1.77 31.65 12.75
C GLY B 176 2.88 31.54 11.73
N LYS B 177 4.10 31.25 12.21
CA LYS B 177 5.24 31.09 11.31
C LYS B 177 5.82 29.68 11.39
N GLU B 178 5.08 28.74 11.97
CA GLU B 178 5.60 27.41 12.23
C GLU B 178 4.77 26.37 11.49
N ALA B 179 5.44 25.51 10.71
CA ALA B 179 4.78 24.37 10.12
C ALA B 179 4.67 23.28 11.18
N MET B 180 3.46 22.76 11.36
CA MET B 180 3.19 21.75 12.37
C MET B 180 2.62 20.52 11.68
N PRO B 181 3.40 19.45 11.53
CA PRO B 181 2.81 18.22 10.98
C PRO B 181 1.72 17.70 11.92
N LEU B 182 0.56 17.37 11.34
CA LEU B 182 -0.52 16.78 12.11
C LEU B 182 -0.58 15.27 11.94
N SER B 183 0.41 14.70 11.25
CA SER B 183 0.54 13.26 11.09
C SER B 183 2.01 12.95 11.18
N VAL B 184 2.34 11.69 11.44
CA VAL B 184 3.72 11.23 11.41
C VAL B 184 3.79 10.02 10.48
N ASP B 185 4.76 10.04 9.56
CA ASP B 185 4.84 9.01 8.55
C ASP B 185 4.96 7.64 9.21
N HIS B 186 4.15 6.69 8.73
CA HIS B 186 4.24 5.30 9.18
C HIS B 186 5.24 4.55 8.30
N LYS B 187 6.53 4.68 8.66
CA LYS B 187 7.59 3.97 7.98
C LYS B 187 8.14 2.87 8.88
N PRO B 188 8.51 1.73 8.30
CA PRO B 188 8.91 0.57 9.13
C PRO B 188 10.14 0.81 9.98
N ASP B 189 10.97 1.80 9.67
CA ASP B 189 12.15 2.03 10.48
C ASP B 189 11.92 3.04 11.59
N ARG B 190 10.74 3.63 11.67
CA ARG B 190 10.38 4.41 12.84
C ARG B 190 10.53 3.53 14.08
N GLU B 191 11.21 4.05 15.11
CA GLU B 191 11.56 3.21 16.24
C GLU B 191 10.36 2.42 16.77
N ASP B 192 9.23 3.09 16.97
CA ASP B 192 8.08 2.42 17.56
C ASP B 192 7.42 1.47 16.57
N GLU B 193 7.39 1.84 15.29
CA GLU B 193 6.78 0.97 14.29
C GLU B 193 7.64 -0.27 14.07
N TYR B 194 8.96 -0.11 14.08
CA TYR B 194 9.87 -1.25 13.97
C TYR B 194 9.64 -2.23 15.11
N ALA B 195 9.56 -1.72 16.35
CA ALA B 195 9.31 -2.59 17.50
C ALA B 195 7.95 -3.26 17.39
N ARG B 196 6.92 -2.51 16.99
CA ARG B 196 5.58 -3.07 16.86
C ARG B 196 5.55 -4.21 15.85
N ILE B 197 6.20 -4.02 14.71
CA ILE B 197 6.19 -5.06 13.67
C ILE B 197 6.89 -6.32 14.18
N GLU B 198 8.10 -6.17 14.72
CA GLU B 198 8.83 -7.34 15.22
C GLU B 198 8.09 -8.00 16.39
N ASN B 199 7.48 -7.20 17.26
CA ASN B 199 6.69 -7.77 18.35
C ASN B 199 5.51 -8.59 17.82
N ALA B 200 4.95 -8.20 16.68
CA ALA B 200 3.89 -8.96 16.07
C ALA B 200 4.39 -10.17 15.30
N GLY B 201 5.71 -10.41 15.28
CA GLY B 201 6.29 -11.54 14.59
C GLY B 201 6.87 -11.24 13.23
N GLY B 202 6.78 -9.97 12.78
CA GLY B 202 7.23 -9.58 11.47
C GLY B 202 8.71 -9.24 11.48
N LYS B 203 9.23 -8.94 10.28
CA LYS B 203 10.63 -8.54 10.13
C LYS B 203 10.71 -7.30 9.24
N VAL B 204 11.67 -6.43 9.54
CA VAL B 204 11.93 -5.26 8.72
C VAL B 204 13.35 -5.39 8.18
N ILE B 205 13.50 -5.22 6.87
CA ILE B 205 14.76 -5.40 6.16
C ILE B 205 15.06 -4.12 5.40
N GLN B 206 16.33 -3.70 5.41
CA GLN B 206 16.77 -2.60 4.54
C GLN B 206 17.04 -3.19 3.17
N TRP B 207 16.15 -2.90 2.24
CA TRP B 207 16.20 -3.49 0.90
C TRP B 207 15.62 -2.43 -0.03
N GLN B 208 16.46 -1.48 -0.45
CA GLN B 208 15.98 -0.29 -1.12
C GLN B 208 15.06 0.46 -0.17
N GLY B 209 15.57 0.74 1.02
CA GLY B 209 14.82 1.38 2.07
C GLY B 209 14.21 0.36 3.02
N ALA B 210 13.83 0.85 4.20
CA ALA B 210 13.24 -0.02 5.23
C ALA B 210 11.90 -0.56 4.73
N ARG B 211 11.76 -1.88 4.75
CA ARG B 211 10.59 -2.55 4.18
C ARG B 211 10.18 -3.73 5.04
N VAL B 212 8.86 -3.90 5.18
CA VAL B 212 8.29 -5.06 5.88
C VAL B 212 8.57 -6.30 5.04
N PHE B 213 9.31 -7.25 5.62
CA PHE B 213 9.78 -8.44 4.92
C PHE B 213 10.50 -8.09 3.62
N GLY B 214 11.10 -6.90 3.57
CA GLY B 214 11.77 -6.44 2.38
C GLY B 214 10.87 -6.01 1.25
N VAL B 215 9.55 -6.07 1.43
CA VAL B 215 8.63 -5.80 0.32
C VAL B 215 8.07 -4.39 0.40
N LEU B 216 7.40 -4.06 1.51
CA LEU B 216 6.59 -2.86 1.58
C LEU B 216 7.26 -1.79 2.43
N ALA B 217 7.42 -0.59 1.86
CA ALA B 217 8.13 0.52 2.51
C ALA B 217 7.21 1.36 3.39
N MET B 218 6.26 0.73 4.06
CA MET B 218 5.23 1.39 4.83
C MET B 218 4.79 0.44 5.93
N SER B 219 4.59 0.96 7.13
CA SER B 219 4.21 0.12 8.26
C SER B 219 2.71 0.07 8.51
N ARG B 220 1.95 0.98 7.89
CA ARG B 220 0.50 1.05 8.02
C ARG B 220 -0.10 1.47 6.69
N SER B 221 -1.32 1.01 6.45
CA SER B 221 -1.96 1.22 5.17
C SER B 221 -3.38 0.71 5.26
N ILE B 222 -4.19 1.13 4.28
CA ILE B 222 -5.48 0.49 3.99
C ILE B 222 -5.25 -0.58 2.94
N GLY B 223 -5.84 -1.76 3.13
CA GLY B 223 -5.65 -2.85 2.19
C GLY B 223 -4.50 -3.75 2.59
N ASP B 224 -3.66 -4.12 1.64
CA ASP B 224 -2.45 -4.91 1.90
C ASP B 224 -2.77 -6.15 2.73
N ARG B 225 -3.85 -6.83 2.32
CA ARG B 225 -4.28 -8.04 2.99
C ARG B 225 -3.12 -9.01 3.25
N TYR B 226 -2.22 -9.16 2.27
CA TYR B 226 -1.16 -10.16 2.41
C TYR B 226 -0.19 -9.87 3.54
N LEU B 227 -0.14 -8.65 4.06
CA LEU B 227 0.79 -8.29 5.15
C LEU B 227 0.06 -7.98 6.45
N LYS B 228 -1.18 -8.37 6.55
CA LYS B 228 -1.81 -8.43 7.85
C LYS B 228 -1.13 -9.53 8.66
N PRO B 229 -0.95 -9.35 9.97
CA PRO B 229 -1.23 -8.19 10.80
C PRO B 229 0.01 -7.35 11.09
N TYR B 230 0.96 -7.31 10.16
CA TYR B 230 2.11 -6.44 10.37
C TYR B 230 1.82 -5.03 9.89
N VAL B 231 1.11 -4.91 8.77
CA VAL B 231 0.78 -3.60 8.21
C VAL B 231 -0.68 -3.32 8.55
N ILE B 232 -0.91 -2.43 9.51
CA ILE B 232 -2.24 -2.34 10.10
C ILE B 232 -2.88 -1.04 9.61
N PRO B 233 -4.21 -0.95 9.61
CA PRO B 233 -4.89 0.27 9.18
C PRO B 233 -5.16 1.26 10.30
N GLU B 234 -4.87 0.93 11.55
CA GLU B 234 -5.11 1.83 12.68
C GLU B 234 -4.44 3.18 12.43
N PRO B 235 -5.19 4.28 12.40
CA PRO B 235 -4.58 5.58 12.13
C PRO B 235 -4.06 6.26 13.39
N GLU B 236 -3.22 7.27 13.17
CA GLU B 236 -2.91 8.24 14.20
C GLU B 236 -3.91 9.38 14.03
N VAL B 237 -4.55 9.80 15.13
CA VAL B 237 -5.61 10.80 15.04
C VAL B 237 -5.20 12.01 15.87
N THR B 238 -5.38 13.20 15.30
CA THR B 238 -5.02 14.44 15.96
C THR B 238 -6.26 15.32 16.02
N PHE B 239 -6.60 15.76 17.22
CA PHE B 239 -7.74 16.63 17.45
C PHE B 239 -7.17 18.00 17.81
N MET B 240 -7.22 18.94 16.88
CA MET B 240 -6.50 20.22 16.98
C MET B 240 -7.47 21.38 17.10
N PRO B 241 -7.53 22.09 18.23
CA PRO B 241 -8.31 23.32 18.27
C PRO B 241 -7.75 24.32 17.26
N ARG B 242 -8.64 25.07 16.62
CA ARG B 242 -8.18 26.07 15.69
C ARG B 242 -7.72 27.33 16.42
N SER B 243 -6.95 28.14 15.71
CA SER B 243 -6.39 29.36 16.30
C SER B 243 -6.47 30.48 15.27
N ARG B 244 -6.68 31.70 15.77
CA ARG B 244 -6.62 32.88 14.91
C ARG B 244 -5.32 32.97 14.14
N GLU B 245 -4.25 32.34 14.64
CA GLU B 245 -2.97 32.35 13.94
C GLU B 245 -2.88 31.36 12.78
N ASP B 246 -3.85 30.47 12.61
CA ASP B 246 -3.78 29.47 11.56
C ASP B 246 -3.77 30.14 10.19
N GLU B 247 -2.93 29.62 9.31
CA GLU B 247 -2.77 30.16 7.96
C GLU B 247 -3.30 29.22 6.91
N CYS B 248 -2.81 27.98 6.87
CA CYS B 248 -3.30 27.06 5.87
C CYS B 248 -3.05 25.65 6.37
N LEU B 249 -3.70 24.71 5.70
CA LEU B 249 -3.53 23.28 5.97
C LEU B 249 -3.26 22.62 4.63
N ILE B 250 -2.20 21.79 4.57
CA ILE B 250 -1.81 21.15 3.33
C ILE B 250 -1.87 19.64 3.54
N LEU B 251 -2.62 18.93 2.70
CA LEU B 251 -2.59 17.47 2.62
C LEU B 251 -1.94 17.07 1.31
N ALA B 252 -1.01 16.12 1.36
CA ALA B 252 -0.36 15.74 0.11
C ALA B 252 0.25 14.36 0.24
N SER B 253 0.39 13.71 -0.91
CA SER B 253 1.12 12.46 -0.97
C SER B 253 2.63 12.73 -0.95
N ASP B 254 3.42 11.67 -0.73
CA ASP B 254 4.86 11.84 -0.64
C ASP B 254 5.48 12.21 -1.98
N GLY B 255 4.71 12.23 -3.06
CA GLY B 255 5.24 12.81 -4.28
C GLY B 255 5.66 14.26 -4.09
N LEU B 256 5.04 14.95 -3.14
CA LEU B 256 5.48 16.28 -2.77
C LEU B 256 6.55 16.23 -1.69
N TRP B 257 6.26 15.54 -0.57
CA TRP B 257 7.11 15.64 0.60
C TRP B 257 8.49 15.03 0.38
N ASP B 258 8.61 14.08 -0.57
CA ASP B 258 9.92 13.50 -0.85
C ASP B 258 10.92 14.50 -1.44
N VAL B 259 10.46 15.62 -2.02
CA VAL B 259 11.39 16.60 -2.58
C VAL B 259 11.31 17.97 -1.93
N MET B 260 10.37 18.20 -1.02
CA MET B 260 10.19 19.53 -0.44
C MET B 260 9.95 19.44 1.06
N ASN B 261 10.46 20.44 1.76
CA ASN B 261 10.47 20.49 3.21
C ASN B 261 9.12 21.00 3.73
N ASN B 262 8.67 20.48 4.89
CA ASN B 262 7.38 20.89 5.47
C ASN B 262 7.26 22.41 5.57
N GLN B 263 8.25 23.04 6.19
CA GLN B 263 8.19 24.47 6.40
C GLN B 263 8.10 25.20 5.07
N GLU B 264 8.94 24.81 4.10
CA GLU B 264 8.97 25.54 2.83
C GLU B 264 7.65 25.38 2.07
N VAL B 265 7.06 24.17 2.11
CA VAL B 265 5.79 23.95 1.41
C VAL B 265 4.71 24.88 1.96
N CYS B 266 4.60 24.96 3.28
CA CYS B 266 3.59 25.81 3.89
C CYS B 266 3.82 27.27 3.55
N GLU B 267 5.07 27.70 3.63
CA GLU B 267 5.38 29.11 3.38
C GLU B 267 5.09 29.48 1.94
N ILE B 268 5.46 28.59 1.00
CA ILE B 268 5.16 28.82 -0.40
C ILE B 268 3.66 28.92 -0.63
N ALA B 269 2.89 28.01 -0.02
CA ALA B 269 1.45 28.06 -0.20
C ALA B 269 0.89 29.39 0.29
N ARG B 270 1.30 29.81 1.49
CA ARG B 270 0.87 31.10 2.03
C ARG B 270 1.27 32.26 1.11
N ARG B 271 2.53 32.30 0.66
CA ARG B 271 2.97 33.41 -0.18
C ARG B 271 2.20 33.44 -1.52
N ARG B 272 1.91 32.26 -2.09
CA ARG B 272 1.17 32.22 -3.35
C ARG B 272 -0.28 32.63 -3.15
N ILE B 273 -0.89 32.23 -2.04
CA ILE B 273 -2.23 32.69 -1.71
C ILE B 273 -2.25 34.22 -1.57
N LEU B 274 -1.29 34.78 -0.83
CA LEU B 274 -1.25 36.24 -0.67
C LEU B 274 -0.98 36.94 -1.99
N MET B 275 -0.12 36.36 -2.85
CA MET B 275 0.17 37.00 -4.13
C MET B 275 -1.08 37.09 -4.99
N TRP B 276 -1.87 36.01 -5.01
CA TRP B 276 -3.12 36.02 -5.77
C TRP B 276 -4.04 37.12 -5.26
N HIS B 277 -4.19 37.21 -3.93
CA HIS B 277 -5.07 38.22 -3.37
C HIS B 277 -4.58 39.63 -3.63
N LYS B 278 -3.26 39.85 -3.56
CA LYS B 278 -2.73 41.18 -3.83
C LYS B 278 -3.01 41.60 -5.27
N LYS B 279 -2.92 40.67 -6.21
CA LYS B 279 -3.10 41.02 -7.62
C LYS B 279 -4.57 41.01 -8.05
N ASN B 280 -5.40 40.18 -7.44
CA ASN B 280 -6.74 39.97 -7.95
C ASN B 280 -7.87 40.40 -7.03
N GLY B 281 -7.57 40.83 -5.81
CA GLY B 281 -8.61 41.09 -4.83
C GLY B 281 -9.35 39.80 -4.49
N ALA B 282 -10.31 39.93 -3.57
CA ALA B 282 -11.00 38.69 -3.22
C ALA B 282 -12.25 38.49 -4.07
N PRO B 283 -12.66 37.25 -4.28
CA PRO B 283 -13.89 36.99 -5.03
C PRO B 283 -15.10 37.47 -4.26
N PRO B 284 -16.21 37.73 -4.94
CA PRO B 284 -17.43 38.11 -4.21
C PRO B 284 -17.83 36.99 -3.27
N LEU B 285 -18.04 37.35 -2.00
CA LEU B 285 -18.24 36.34 -0.97
C LEU B 285 -19.45 35.45 -1.24
N ALA B 286 -20.37 35.89 -2.09
CA ALA B 286 -21.47 35.02 -2.49
C ALA B 286 -20.98 33.86 -3.34
N GLU B 287 -19.86 34.03 -4.04
CA GLU B 287 -19.30 32.96 -4.86
C GLU B 287 -18.34 32.05 -4.10
N ARG B 288 -17.86 32.48 -2.93
CA ARG B 288 -16.84 31.71 -2.23
C ARG B 288 -17.43 30.47 -1.57
N GLY B 289 -16.62 29.41 -1.51
CA GLY B 289 -17.05 28.15 -0.95
C GLY B 289 -17.78 27.25 -1.92
N LYS B 290 -17.98 27.69 -3.16
CA LYS B 290 -18.58 26.89 -4.22
C LYS B 290 -17.49 26.56 -5.22
N GLY B 291 -16.89 25.39 -5.07
CA GLY B 291 -15.77 25.02 -5.91
C GLY B 291 -14.45 25.48 -5.32
N ILE B 292 -13.41 25.42 -6.14
CA ILE B 292 -12.08 25.73 -5.65
C ILE B 292 -11.97 27.22 -5.39
N ASP B 293 -11.10 27.58 -4.46
CA ASP B 293 -10.69 28.96 -4.23
C ASP B 293 -9.54 29.28 -5.17
N PRO B 294 -9.66 30.30 -6.02
CA PRO B 294 -8.57 30.57 -6.97
C PRO B 294 -7.21 30.77 -6.33
N ALA B 295 -7.13 31.44 -5.17
CA ALA B 295 -5.83 31.62 -4.52
C ALA B 295 -5.25 30.28 -4.08
N CYS B 296 -6.07 29.43 -3.47
CA CYS B 296 -5.60 28.10 -3.08
C CYS B 296 -5.19 27.28 -4.29
N GLN B 297 -5.94 27.39 -5.38
CA GLN B 297 -5.63 26.64 -6.59
C GLN B 297 -4.30 27.09 -7.17
N ALA B 298 -4.04 28.40 -7.15
CA ALA B 298 -2.73 28.91 -7.60
C ALA B 298 -1.60 28.34 -6.76
N ALA B 299 -1.80 28.23 -5.44
CA ALA B 299 -0.78 27.66 -4.57
C ALA B 299 -0.56 26.18 -4.87
N ALA B 300 -1.66 25.43 -4.99
CA ALA B 300 -1.52 24.00 -5.32
C ALA B 300 -0.84 23.81 -6.68
N ASP B 301 -1.24 24.61 -7.68
CA ASP B 301 -0.59 24.55 -8.99
C ASP B 301 0.91 24.80 -8.87
N TYR B 302 1.28 25.87 -8.17
CA TYR B 302 2.69 26.23 -8.06
C TYR B 302 3.48 25.14 -7.34
N LEU B 303 2.92 24.60 -6.25
CA LEU B 303 3.64 23.57 -5.51
C LEU B 303 3.85 22.33 -6.38
N SER B 304 2.84 21.97 -7.18
CA SER B 304 2.98 20.79 -8.01
C SER B 304 4.03 21.00 -9.10
N MET B 305 4.07 22.19 -9.69
CA MET B 305 5.08 22.44 -10.70
C MET B 305 6.47 22.52 -10.08
N LEU B 306 6.60 23.02 -8.85
CA LEU B 306 7.91 22.99 -8.20
C LEU B 306 8.37 21.56 -7.93
N ALA B 307 7.44 20.71 -7.48
CA ALA B 307 7.80 19.33 -7.21
C ALA B 307 8.32 18.62 -8.46
N LEU B 308 7.69 18.86 -9.61
CA LEU B 308 8.17 18.26 -10.86
C LEU B 308 9.49 18.86 -11.29
N GLN B 309 9.62 20.18 -11.15
CA GLN B 309 10.88 20.85 -11.48
C GLN B 309 12.01 20.32 -10.60
N LYS B 310 11.71 19.97 -9.36
CA LYS B 310 12.72 19.39 -8.47
C LYS B 310 12.98 17.93 -8.77
N GLY B 311 12.33 17.37 -9.77
CA GLY B 311 12.60 16.01 -10.21
C GLY B 311 11.79 14.93 -9.54
N SER B 312 10.70 15.26 -8.86
CA SER B 312 9.84 14.20 -8.34
C SER B 312 9.35 13.35 -9.51
N LYS B 313 9.58 12.05 -9.42
CA LYS B 313 9.16 11.10 -10.46
C LYS B 313 7.94 10.30 -10.06
N ASP B 314 7.20 10.77 -9.05
CA ASP B 314 6.07 10.04 -8.50
C ASP B 314 4.77 10.72 -8.90
N ASN B 315 3.65 10.02 -8.67
CA ASN B 315 2.36 10.70 -8.59
C ASN B 315 2.43 11.76 -7.50
N ILE B 316 1.79 12.90 -7.72
CA ILE B 316 1.86 14.03 -6.79
C ILE B 316 0.44 14.56 -6.62
N SER B 317 -0.05 14.55 -5.39
CA SER B 317 -1.41 15.01 -5.09
C SER B 317 -1.37 15.98 -3.93
N ILE B 318 -1.99 17.16 -4.09
CA ILE B 318 -1.89 18.22 -3.10
C ILE B 318 -3.25 18.87 -2.93
N ILE B 319 -3.68 19.05 -1.68
CA ILE B 319 -4.84 19.87 -1.33
C ILE B 319 -4.32 21.02 -0.47
N VAL B 320 -4.58 22.25 -0.89
CA VAL B 320 -4.23 23.45 -0.12
C VAL B 320 -5.52 24.03 0.43
N ILE B 321 -5.56 24.24 1.75
CA ILE B 321 -6.77 24.77 2.42
C ILE B 321 -6.39 26.07 3.12
N ASP B 322 -7.05 27.16 2.73
CA ASP B 322 -6.82 28.44 3.38
C ASP B 322 -7.68 28.53 4.64
N LEU B 323 -7.03 28.73 5.79
CA LEU B 323 -7.71 28.78 7.08
C LEU B 323 -7.99 30.21 7.57
N LYS B 324 -7.61 31.23 6.81
CA LYS B 324 -7.91 32.61 7.20
C LYS B 324 -9.26 33.04 6.63
N ALA B 325 -10.07 33.69 7.47
CA ALA B 325 -11.35 34.22 7.02
C ALA B 325 -11.17 35.28 5.92
N GLN B 326 -10.18 36.14 6.07
CA GLN B 326 -9.94 37.19 5.10
C GLN B 326 -8.48 37.58 5.12
N ARG B 327 -8.00 38.12 4.03
CA ARG B 327 -6.59 38.48 3.89
C ARG B 327 -6.47 39.89 3.33
N LYS B 328 -6.24 40.84 4.22
CA LYS B 328 -6.10 42.25 3.88
C LYS B 328 -4.64 42.70 4.01
N PHE B 329 -4.31 43.78 3.30
CA PHE B 329 -2.93 44.26 3.27
C PHE B 329 -2.83 45.69 3.81
C1 QPZ C . 9.03 -11.23 -10.30
N1 QPZ C . 9.08 -13.51 -11.78
O1 QPZ C . 8.50 -11.38 -12.81
C2 QPZ C . 8.24 -10.69 -9.30
N2 QPZ C . 10.84 -9.07 -7.22
O2 QPZ C . 6.96 -12.45 -11.20
C3 QPZ C . 8.85 -9.98 -8.27
O3 QPZ C . 12.67 -8.22 -6.21
C4 QPZ C . 10.23 -9.80 -8.25
C5 QPZ C . 11.02 -10.33 -9.28
C6 QPZ C . 10.41 -11.05 -10.30
C7 QPZ C . 12.44 -10.14 -9.23
C8 QPZ C . 12.96 -9.45 -8.20
C9 QPZ C . 12.21 -8.87 -7.15
C10 QPZ C . 13.31 -10.72 -10.31
C11 QPZ C . 10.02 -8.50 -6.16
C12 QPZ C . 8.97 -14.58 -10.76
C13 QPZ C . 9.95 -14.36 -9.64
C14 QPZ C . 9.49 -14.17 -8.35
C15 QPZ C . 10.38 -13.96 -7.31
C16 QPZ C . 11.73 -13.93 -7.55
C17 QPZ C . 12.20 -14.12 -8.84
C18 QPZ C . 11.31 -14.34 -9.87
S1 QPZ C . 8.29 -12.12 -11.61
H1 QPZ C . 9.32 -13.74 -12.57
H2 QPZ C . 7.33 -10.79 -9.32
H3 QPZ C . 8.33 -9.62 -7.59
H6 QPZ C . 10.92 -11.41 -10.98
H8 QPZ C . 13.89 -9.33 -8.18
H10B QPZ C . 14.21 -10.35 -10.23
H10A QPZ C . 12.94 -10.50 -11.18
H10C QPZ C . 13.35 -11.68 -10.20
H11A QPZ C . 10.60 -8.16 -5.45
H11C QPZ C . 9.44 -9.18 -5.78
H11B QPZ C . 9.48 -7.78 -6.51
H12A QPZ C . 9.14 -15.43 -11.18
H12B QPZ C . 8.07 -14.57 -10.40
H14 QPZ C . 8.59 -14.18 -8.17
H15 QPZ C . 10.06 -13.84 -6.44
H16 QPZ C . 12.33 -13.79 -6.85
H17 QPZ C . 13.11 -14.11 -9.01
H18 QPZ C . 11.63 -14.47 -10.74
MN MN D . 1.77 5.30 -5.01
MN MN E . 3.80 7.92 -3.57
MN MN F . 8.79 8.30 -0.20
MN MN G . -5.20 -4.47 5.94
CL CL H . 6.90 31.54 -3.38
CL CL I . 6.13 3.48 -13.14
CL CL J . -0.12 33.13 -6.83
CL CL K . -5.65 -2.25 -8.72
C1 GOL L . 12.86 15.26 4.36
O1 GOL L . 12.16 14.04 4.58
C2 GOL L . 13.72 15.01 3.16
O2 GOL L . 14.45 13.82 3.29
C3 GOL L . 12.74 14.84 1.99
O3 GOL L . 12.16 16.07 1.77
H11 GOL L . 13.42 15.51 5.11
H12 GOL L . 12.28 16.01 4.19
HO1 GOL L . 12.59 13.44 4.17
H2 GOL L . 14.34 15.74 3.03
HO2 GOL L . 14.92 13.73 2.58
H31 GOL L . 12.10 14.15 2.22
H32 GOL L . 13.23 14.51 1.22
HO3 GOL L . 12.60 16.44 1.14
#